data_5KCT
#
_entry.id   5KCT
#
_cell.length_a   54.872
_cell.length_b   81.560
_cell.length_c   58.914
_cell.angle_alpha   90.000
_cell.angle_beta   110.180
_cell.angle_gamma   90.000
#
_symmetry.space_group_name_H-M   'P 1 21 1'
#
loop_
_entity.id
_entity.type
_entity.pdbx_description
1 polymer 'Estrogen receptor'
2 polymer NCOA2
3 non-polymer (1R,2S,4R)-N-(4-chlorophenyl)-N-ethyl-5,6-bis(4-hydroxyphenyl)-7-oxabicyclo[2.2.1]hept-5-ene-2-sulfonamide
4 non-polymer (1S,2R,4S)-N-(4-chlorophenyl)-N-ethyl-5,6-bis(4-hydroxyphenyl)-7-oxabicyclo[2.2.1]hept-5-ene-2-sulfonamide
5 water water
#
loop_
_entity_poly.entity_id
_entity_poly.type
_entity_poly.pdbx_seq_one_letter_code
_entity_poly.pdbx_strand_id
1 'polypeptide(L)'
;IKRSKKNSLALSLTADQMVSALLDAEPPILYSEYDPTRPFSEASMMGLLTNLADRELVHMINWAKRVPGFVDLTLHDQVH
LLECAWLEILMIGLVWRSMEHPGKLLFAPNLLLDRNQGKCVEGMVEIFDMLLATSSRFRMMNLQGEEFVCLKSIILLNSG
VYTFLSSTLKSLEEKDHIHRVLDKITDTLIHLMAKAGLTLQQQHQRLAQLLLILSHIRHMSNKGMEHLYSMKCKNVVPLS
DLLLEMLDAHRLHAPTS
;
A,B
2 'polypeptide(L)' KHKILHRLLQDSSS C,D
#
loop_
_chem_comp.id
_chem_comp.type
_chem_comp.name
_chem_comp.formula
OB6 non-polymer (1S,2R,4S)-N-(4-chlorophenyl)-N-ethyl-5,6-bis(4-hydroxyphenyl)-7-oxabicyclo[2.2.1]hept-5-ene-2-sulfonamide 'C26 H24 Cl N O5 S'
OB7 non-polymer (1R,2S,4R)-N-(4-chlorophenyl)-N-ethyl-5,6-bis(4-hydroxyphenyl)-7-oxabicyclo[2.2.1]hept-5-ene-2-sulfonamide 'C26 H24 Cl N O5 S'
#
# COMPACT_ATOMS: atom_id res chain seq x y z
N LYS A 6 19.16 -10.35 22.90
CA LYS A 6 19.91 -10.47 21.65
C LYS A 6 19.85 -9.19 20.84
N ASN A 7 20.85 -8.33 21.02
CA ASN A 7 20.88 -7.05 20.30
C ASN A 7 21.35 -7.19 18.85
N SER A 8 20.68 -6.49 17.95
CA SER A 8 20.94 -6.58 16.52
C SER A 8 21.97 -5.54 16.05
N LEU A 9 22.91 -5.97 15.22
CA LEU A 9 23.94 -5.07 14.70
C LEU A 9 23.34 -3.92 13.89
N ALA A 10 22.22 -4.17 13.23
CA ALA A 10 21.59 -3.19 12.35
C ALA A 10 21.29 -1.87 13.07
N LEU A 11 20.89 -1.98 14.32
CA LEU A 11 20.49 -0.79 15.07
C LEU A 11 21.72 0.02 15.50
N SER A 12 22.90 -0.57 15.36
CA SER A 12 24.14 0.07 15.77
CA SER A 12 24.11 0.12 15.79
C SER A 12 24.81 0.82 14.63
N LEU A 13 24.31 0.61 13.42
CA LEU A 13 24.87 1.26 12.24
C LEU A 13 24.55 2.76 12.22
N THR A 14 25.48 3.57 11.71
CA THR A 14 25.18 4.96 11.40
C THR A 14 24.34 5.00 10.11
N ALA A 15 23.74 6.16 9.84
CA ALA A 15 22.98 6.34 8.60
C ALA A 15 23.86 6.07 7.38
N ASP A 16 25.07 6.59 7.39
CA ASP A 16 26.00 6.37 6.29
C ASP A 16 26.38 4.89 6.15
N GLN A 17 26.55 4.20 7.27
CA GLN A 17 26.82 2.76 7.20
C GLN A 17 25.62 1.97 6.65
N MET A 18 24.42 2.34 7.05
CA MET A 18 23.21 1.72 6.53
C MET A 18 23.11 1.87 5.01
N VAL A 19 23.37 3.08 4.53
CA VAL A 19 23.28 3.35 3.10
C VAL A 19 24.34 2.55 2.34
N SER A 20 25.54 2.50 2.89
CA SER A 20 26.63 1.76 2.28
C SER A 20 26.31 0.28 2.22
N ALA A 21 25.77 -0.25 3.31
CA ALA A 21 25.35 -1.66 3.36
C ALA A 21 24.33 -1.95 2.27
N LEU A 22 23.34 -1.08 2.14
CA LEU A 22 22.25 -1.32 1.19
C LEU A 22 22.73 -1.19 -0.26
N LEU A 23 23.58 -0.21 -0.53
CA LEU A 23 24.12 -0.05 -1.88
C LEU A 23 24.97 -1.27 -2.27
N ASP A 24 25.75 -1.78 -1.32
CA ASP A 24 26.64 -2.91 -1.56
C ASP A 24 25.84 -4.20 -1.79
N ALA A 25 24.65 -4.27 -1.20
CA ALA A 25 23.80 -5.45 -1.30
C ALA A 25 23.02 -5.52 -2.62
N GLU A 26 23.04 -4.44 -3.40
CA GLU A 26 22.15 -4.34 -4.58
C GLU A 26 22.40 -5.49 -5.52
N PRO A 27 21.33 -6.12 -6.01
CA PRO A 27 21.48 -7.13 -7.05
C PRO A 27 21.87 -6.47 -8.36
N PRO A 28 22.48 -7.23 -9.27
CA PRO A 28 22.74 -6.69 -10.60
C PRO A 28 21.47 -6.59 -11.44
N ILE A 29 21.55 -5.81 -12.51
CA ILE A 29 20.47 -5.76 -13.46
C ILE A 29 20.63 -6.89 -14.47
N LEU A 30 19.65 -7.78 -14.54
CA LEU A 30 19.79 -8.98 -15.34
C LEU A 30 19.29 -8.77 -16.76
N TYR A 31 19.82 -9.58 -17.69
CA TYR A 31 19.35 -9.50 -19.07
C TYR A 31 18.27 -10.52 -19.35
N SER A 32 17.42 -10.23 -20.32
CA SER A 32 16.53 -11.24 -20.87
CA SER A 32 16.52 -11.21 -20.90
C SER A 32 17.26 -11.97 -21.99
N GLU A 33 16.55 -12.86 -22.70
CA GLU A 33 17.17 -13.59 -23.81
C GLU A 33 17.50 -12.65 -24.96
N TYR A 34 18.47 -13.01 -25.80
CA TYR A 34 18.98 -12.07 -26.80
C TYR A 34 18.32 -12.16 -28.16
N ASP A 35 17.25 -12.95 -28.26
CA ASP A 35 16.49 -12.99 -29.49
C ASP A 35 15.83 -11.61 -29.71
N PRO A 36 16.11 -10.97 -30.85
CA PRO A 36 15.60 -9.62 -31.14
C PRO A 36 14.08 -9.51 -31.16
N THR A 37 13.40 -10.61 -31.46
CA THR A 37 11.95 -10.56 -31.68
C THR A 37 11.22 -9.89 -30.52
N ARG A 38 10.64 -8.74 -30.80
CA ARG A 38 9.82 -8.05 -29.82
C ARG A 38 8.59 -8.90 -29.55
N PRO A 39 8.39 -9.28 -28.28
CA PRO A 39 7.20 -10.04 -27.88
C PRO A 39 5.92 -9.26 -28.10
N PHE A 40 4.93 -9.90 -28.72
CA PHE A 40 3.64 -9.25 -28.90
C PHE A 40 2.48 -10.15 -28.48
N SER A 41 2.80 -11.37 -28.05
CA SER A 41 1.77 -12.30 -27.63
C SER A 41 1.90 -12.54 -26.14
N GLU A 42 0.84 -13.01 -25.51
CA GLU A 42 0.90 -13.36 -24.10
C GLU A 42 1.97 -14.42 -23.86
N ALA A 43 1.97 -15.45 -24.71
CA ALA A 43 2.92 -16.55 -24.57
C ALA A 43 4.39 -16.13 -24.64
N SER A 44 4.76 -15.34 -25.65
CA SER A 44 6.14 -14.91 -25.78
C SER A 44 6.52 -13.90 -24.69
N MET A 45 5.60 -12.98 -24.41
CA MET A 45 5.82 -12.00 -23.34
C MET A 45 6.06 -12.66 -21.98
N MET A 46 5.13 -13.50 -21.58
CA MET A 46 5.21 -14.09 -20.26
CA MET A 46 5.16 -14.14 -20.27
C MET A 46 6.29 -15.17 -20.20
N GLY A 47 6.65 -15.74 -21.33
CA GLY A 47 7.78 -16.65 -21.38
C GLY A 47 9.02 -15.91 -20.92
N LEU A 48 9.24 -14.72 -21.48
CA LEU A 48 10.43 -13.94 -21.17
C LEU A 48 10.40 -13.44 -19.74
N LEU A 49 9.24 -12.97 -19.32
CA LEU A 49 9.11 -12.34 -18.00
C LEU A 49 9.27 -13.36 -16.88
N THR A 50 8.69 -14.55 -17.08
CA THR A 50 8.80 -15.61 -16.07
CA THR A 50 8.79 -15.61 -16.09
C THR A 50 10.25 -16.05 -15.89
N ASN A 51 10.98 -16.17 -16.99
CA ASN A 51 12.39 -16.55 -16.95
C ASN A 51 13.19 -15.49 -16.20
N LEU A 52 12.91 -14.23 -16.53
CA LEU A 52 13.65 -13.14 -15.92
C LEU A 52 13.36 -13.10 -14.42
N ALA A 53 12.08 -13.16 -14.07
CA ALA A 53 11.69 -13.08 -12.68
C ALA A 53 12.28 -14.24 -11.86
N ASP A 54 12.32 -15.44 -12.43
CA ASP A 54 12.88 -16.58 -11.71
C ASP A 54 14.33 -16.31 -11.35
N ARG A 55 15.08 -15.75 -12.30
CA ARG A 55 16.47 -15.45 -12.04
C ARG A 55 16.59 -14.28 -11.06
N GLU A 56 15.72 -13.29 -11.18
CA GLU A 56 15.77 -12.16 -10.24
C GLU A 56 15.47 -12.62 -8.83
N LEU A 57 14.59 -13.60 -8.69
CA LEU A 57 14.22 -14.06 -7.35
C LEU A 57 15.42 -14.63 -6.57
N VAL A 58 16.30 -15.35 -7.26
CA VAL A 58 17.45 -15.92 -6.59
C VAL A 58 18.35 -14.80 -6.07
N HIS A 59 18.57 -13.78 -6.88
CA HIS A 59 19.34 -12.62 -6.41
C HIS A 59 18.62 -11.88 -5.29
N MET A 60 17.30 -11.84 -5.36
CA MET A 60 16.53 -11.16 -4.32
C MET A 60 16.71 -11.84 -2.97
N ILE A 61 16.67 -13.16 -2.98
CA ILE A 61 16.79 -13.91 -1.73
C ILE A 61 18.15 -13.64 -1.11
N ASN A 62 19.18 -13.55 -1.92
CA ASN A 62 20.50 -13.33 -1.37
C ASN A 62 20.72 -11.85 -1.01
N TRP A 63 19.98 -10.96 -1.67
CA TRP A 63 19.96 -9.54 -1.31
C TRP A 63 19.31 -9.34 0.06
N ALA A 64 18.20 -10.04 0.30
CA ALA A 64 17.46 -9.86 1.56
C ALA A 64 18.33 -10.22 2.75
N LYS A 65 19.13 -11.25 2.61
CA LYS A 65 20.02 -11.70 3.68
C LYS A 65 21.01 -10.61 4.05
N ARG A 66 21.24 -9.67 3.15
CA ARG A 66 22.21 -8.60 3.38
C ARG A 66 21.55 -7.29 3.79
N VAL A 67 20.23 -7.27 3.88
CA VAL A 67 19.52 -6.11 4.42
C VAL A 67 19.69 -6.16 5.93
N PRO A 68 20.32 -5.12 6.51
CA PRO A 68 20.59 -5.15 7.95
C PRO A 68 19.32 -5.42 8.75
N GLY A 69 19.40 -6.34 9.71
CA GLY A 69 18.24 -6.66 10.50
C GLY A 69 17.51 -7.91 10.04
N PHE A 70 17.58 -8.21 8.74
CA PHE A 70 16.81 -9.32 8.18
C PHE A 70 17.34 -10.65 8.71
N VAL A 71 18.66 -10.75 8.84
CA VAL A 71 19.33 -11.96 9.34
C VAL A 71 18.93 -12.30 10.79
N ASP A 72 18.48 -11.28 11.53
CA ASP A 72 18.17 -11.47 12.95
C ASP A 72 16.81 -12.17 13.14
N LEU A 73 16.04 -12.22 12.06
CA LEU A 73 14.73 -12.85 12.09
C LEU A 73 14.87 -14.36 12.00
N THR A 74 13.89 -15.08 12.54
CA THR A 74 13.83 -16.51 12.33
C THR A 74 13.66 -16.79 10.85
N LEU A 75 14.03 -17.99 10.45
CA LEU A 75 13.89 -18.41 9.07
C LEU A 75 12.42 -18.31 8.63
N HIS A 76 11.51 -18.73 9.51
CA HIS A 76 10.08 -18.65 9.21
C HIS A 76 9.65 -17.21 8.92
N ASP A 77 10.15 -16.26 9.71
CA ASP A 77 9.78 -14.87 9.51
C ASP A 77 10.38 -14.34 8.21
N GLN A 78 11.61 -14.77 7.90
CA GLN A 78 12.26 -14.41 6.64
C GLN A 78 11.47 -14.93 5.45
N VAL A 79 11.04 -16.18 5.54
CA VAL A 79 10.20 -16.77 4.49
C VAL A 79 8.92 -15.96 4.28
N HIS A 80 8.22 -15.64 5.37
CA HIS A 80 6.98 -14.88 5.30
C HIS A 80 7.17 -13.50 4.64
N LEU A 81 8.21 -12.77 5.04
CA LEU A 81 8.42 -11.44 4.47
C LEU A 81 8.70 -11.49 2.99
N LEU A 82 9.51 -12.45 2.53
CA LEU A 82 9.79 -12.55 1.10
C LEU A 82 8.57 -13.02 0.32
N GLU A 83 7.81 -13.95 0.89
CA GLU A 83 6.57 -14.38 0.25
C GLU A 83 5.60 -13.21 0.05
N CYS A 84 5.50 -12.34 1.05
CA CYS A 84 4.60 -11.20 0.96
C CYS A 84 5.09 -10.14 -0.04
N ALA A 85 6.40 -9.86 -0.01
CA ALA A 85 6.95 -8.70 -0.68
C ALA A 85 7.54 -8.92 -2.07
N TRP A 86 7.74 -10.15 -2.50
CA TRP A 86 8.58 -10.36 -3.68
C TRP A 86 8.13 -9.62 -4.94
N LEU A 87 6.82 -9.56 -5.19
CA LEU A 87 6.36 -8.93 -6.44
C LEU A 87 6.49 -7.42 -6.28
N GLU A 88 6.21 -6.91 -5.08
CA GLU A 88 6.42 -5.48 -4.83
C GLU A 88 7.87 -5.08 -5.08
N ILE A 89 8.79 -5.95 -4.67
CA ILE A 89 10.21 -5.68 -4.80
C ILE A 89 10.65 -5.75 -6.27
N LEU A 90 10.14 -6.72 -7.01
CA LEU A 90 10.38 -6.81 -8.47
C LEU A 90 9.87 -5.53 -9.14
N MET A 91 8.71 -5.07 -8.71
CA MET A 91 8.08 -3.91 -9.35
C MET A 91 8.78 -2.60 -9.04
N ILE A 92 9.19 -2.38 -7.79
CA ILE A 92 9.88 -1.13 -7.51
C ILE A 92 11.23 -1.15 -8.24
N GLY A 93 11.87 -2.31 -8.36
CA GLY A 93 13.10 -2.36 -9.14
C GLY A 93 12.84 -2.01 -10.61
N LEU A 94 11.77 -2.56 -11.18
CA LEU A 94 11.39 -2.26 -12.56
C LEU A 94 11.15 -0.77 -12.79
N VAL A 95 10.44 -0.14 -11.87
CA VAL A 95 10.11 1.27 -12.00
C VAL A 95 11.38 2.10 -11.88
N TRP A 96 12.26 1.73 -10.97
CA TRP A 96 13.54 2.42 -10.81
C TRP A 96 14.37 2.36 -12.10
N ARG A 97 14.54 1.18 -12.69
CA ARG A 97 15.42 1.15 -13.87
C ARG A 97 14.69 1.66 -15.12
N SER A 98 13.39 1.94 -15.01
CA SER A 98 12.66 2.53 -16.13
C SER A 98 12.60 4.05 -16.10
N MET A 99 13.13 4.67 -15.06
CA MET A 99 12.98 6.12 -14.88
C MET A 99 13.46 6.94 -16.04
N GLU A 100 14.60 6.56 -16.60
CA GLU A 100 15.18 7.36 -17.67
C GLU A 100 14.66 6.94 -19.04
N HIS A 101 13.57 6.16 -19.04
CA HIS A 101 12.91 5.79 -20.28
C HIS A 101 11.42 6.10 -20.25
N PRO A 102 11.06 7.39 -20.31
CA PRO A 102 9.66 7.80 -20.18
C PRO A 102 8.74 7.04 -21.14
N GLY A 103 7.62 6.54 -20.63
CA GLY A 103 6.65 5.87 -21.47
C GLY A 103 7.00 4.43 -21.77
N LYS A 104 8.15 3.97 -21.28
CA LYS A 104 8.59 2.61 -21.52
C LYS A 104 8.90 1.91 -20.22
N LEU A 105 8.83 0.58 -20.22
CA LEU A 105 9.23 -0.21 -19.07
C LEU A 105 10.45 -1.05 -19.46
N LEU A 106 11.56 -0.78 -18.77
CA LEU A 106 12.81 -1.49 -19.02
C LEU A 106 12.87 -2.74 -18.17
N PHE A 107 12.25 -3.81 -18.65
CA PHE A 107 12.25 -5.05 -17.88
C PHE A 107 13.67 -5.58 -17.78
N ALA A 108 14.43 -5.41 -18.86
CA ALA A 108 15.87 -5.68 -18.87
C ALA A 108 16.50 -4.73 -19.88
N PRO A 109 17.83 -4.55 -19.83
CA PRO A 109 18.44 -3.60 -20.78
C PRO A 109 18.15 -3.97 -22.22
N ASN A 110 17.95 -5.26 -22.48
CA ASN A 110 17.60 -5.74 -23.81
C ASN A 110 16.13 -6.13 -23.94
N LEU A 111 15.30 -5.68 -22.99
CA LEU A 111 13.87 -5.92 -23.09
C LEU A 111 13.13 -4.67 -22.61
N LEU A 112 12.95 -3.75 -23.54
CA LEU A 112 12.25 -2.50 -23.30
C LEU A 112 10.87 -2.64 -23.94
N LEU A 113 9.82 -2.51 -23.15
CA LEU A 113 8.47 -2.61 -23.71
C LEU A 113 7.77 -1.25 -23.72
N ASP A 114 6.95 -1.01 -24.74
CA ASP A 114 6.07 0.15 -24.71
C ASP A 114 4.65 -0.34 -24.46
N ARG A 115 3.71 0.57 -24.21
CA ARG A 115 2.41 0.12 -23.74
C ARG A 115 1.65 -0.55 -24.88
N ASN A 116 2.08 -0.27 -26.12
CA ASN A 116 1.58 -0.99 -27.29
C ASN A 116 1.70 -2.50 -27.15
N GLN A 117 2.81 -2.97 -26.56
CA GLN A 117 3.01 -4.39 -26.35
C GLN A 117 2.15 -4.88 -25.19
N GLY A 118 1.84 -3.98 -24.26
CA GLY A 118 0.92 -4.27 -23.19
C GLY A 118 -0.48 -4.54 -23.71
N LYS A 119 -0.91 -3.77 -24.70
CA LYS A 119 -2.28 -3.90 -25.24
C LYS A 119 -2.50 -5.21 -25.95
N CYS A 120 -1.42 -5.93 -26.20
CA CYS A 120 -1.51 -7.22 -26.87
C CYS A 120 -1.48 -8.36 -25.85
N VAL A 121 -1.80 -8.02 -24.60
CA VAL A 121 -1.98 -9.00 -23.54
C VAL A 121 -3.15 -8.62 -22.63
N GLU A 122 -4.18 -9.46 -22.60
CA GLU A 122 -5.39 -9.16 -21.83
C GLU A 122 -5.09 -8.98 -20.35
N GLY A 123 -5.37 -7.78 -19.84
CA GLY A 123 -5.19 -7.50 -18.42
C GLY A 123 -3.93 -6.73 -18.09
N MET A 124 -3.08 -6.51 -19.09
CA MET A 124 -1.74 -5.99 -18.83
C MET A 124 -1.62 -4.47 -18.89
N VAL A 125 -2.33 -3.82 -19.82
CA VAL A 125 -2.15 -2.39 -20.03
C VAL A 125 -2.47 -1.57 -18.79
N GLU A 126 -3.50 -2.00 -18.06
CA GLU A 126 -3.90 -1.30 -16.85
C GLU A 126 -2.76 -1.23 -15.84
N ILE A 127 -2.06 -2.35 -15.62
CA ILE A 127 -0.93 -2.39 -14.72
C ILE A 127 0.27 -1.69 -15.32
N PHE A 128 0.43 -1.84 -16.64
CA PHE A 128 1.47 -1.17 -17.38
C PHE A 128 1.42 0.33 -17.11
N ASP A 129 0.24 0.91 -17.29
CA ASP A 129 0.05 2.35 -17.09
C ASP A 129 0.35 2.75 -15.65
N MET A 130 -0.04 1.91 -14.70
CA MET A 130 0.23 2.19 -13.29
C MET A 130 1.72 2.22 -13.01
N LEU A 131 2.44 1.27 -13.60
CA LEU A 131 3.90 1.23 -13.44
C LEU A 131 4.56 2.45 -14.09
N LEU A 132 4.11 2.79 -15.29
CA LEU A 132 4.58 3.99 -15.97
C LEU A 132 4.37 5.25 -15.13
N ALA A 133 3.19 5.36 -14.52
CA ALA A 133 2.87 6.50 -13.66
C ALA A 133 3.83 6.58 -12.47
N THR A 134 4.18 5.44 -11.91
CA THR A 134 5.09 5.37 -10.78
C THR A 134 6.50 5.81 -11.19
N SER A 135 6.96 5.28 -12.32
CA SER A 135 8.26 5.67 -12.85
C SER A 135 8.36 7.17 -13.07
N SER A 136 7.35 7.72 -13.73
CA SER A 136 7.27 9.14 -14.01
C SER A 136 7.31 9.97 -12.72
N ARG A 137 6.60 9.48 -11.70
CA ARG A 137 6.55 10.15 -10.41
C ARG A 137 7.94 10.14 -9.75
N PHE A 138 8.62 9.00 -9.78
CA PHE A 138 9.98 8.91 -9.25
C PHE A 138 10.89 9.87 -10.00
N ARG A 139 10.72 9.93 -11.33
CA ARG A 139 11.57 10.76 -12.16
C ARG A 139 11.36 12.23 -11.82
N MET A 140 10.12 12.64 -11.66
CA MET A 140 9.84 14.06 -11.40
C MET A 140 10.27 14.44 -9.99
N MET A 141 10.30 13.47 -9.08
CA MET A 141 10.77 13.71 -7.72
C MET A 141 12.30 13.64 -7.65
N ASN A 142 12.93 13.29 -8.75
CA ASN A 142 14.38 13.09 -8.80
C ASN A 142 14.85 12.12 -7.70
N LEU A 143 14.18 10.98 -7.64
CA LEU A 143 14.51 9.94 -6.68
C LEU A 143 15.97 9.51 -6.83
N GLN A 144 16.70 9.45 -5.73
CA GLN A 144 18.11 9.08 -5.78
C GLN A 144 18.30 7.62 -5.45
N GLY A 145 19.39 7.03 -5.93
CA GLY A 145 19.69 5.62 -5.66
C GLY A 145 19.67 5.26 -4.18
N GLU A 146 20.24 6.13 -3.36
CA GLU A 146 20.28 5.91 -1.93
C GLU A 146 18.89 5.86 -1.31
N GLU A 147 17.98 6.68 -1.83
CA GLU A 147 16.59 6.70 -1.38
C GLU A 147 15.88 5.44 -1.84
N PHE A 148 16.10 5.07 -3.11
CA PHE A 148 15.53 3.86 -3.67
C PHE A 148 15.85 2.63 -2.82
N VAL A 149 17.12 2.44 -2.42
CA VAL A 149 17.42 1.21 -1.69
C VAL A 149 16.81 1.25 -0.28
N CYS A 150 16.61 2.45 0.28
CA CYS A 150 15.90 2.55 1.55
C CYS A 150 14.46 2.10 1.38
N LEU A 151 13.81 2.58 0.33
CA LEU A 151 12.43 2.20 0.06
C LEU A 151 12.25 0.72 -0.19
N LYS A 152 13.18 0.10 -0.93
CA LYS A 152 13.03 -1.32 -1.25
C LYS A 152 13.15 -2.14 0.04
N SER A 153 14.05 -1.73 0.93
CA SER A 153 14.19 -2.43 2.21
CA SER A 153 14.21 -2.38 2.23
C SER A 153 12.97 -2.24 3.10
N ILE A 154 12.34 -1.07 3.05
CA ILE A 154 11.11 -0.84 3.78
C ILE A 154 10.04 -1.80 3.27
N ILE A 155 9.91 -1.94 1.95
CA ILE A 155 8.93 -2.89 1.42
C ILE A 155 9.13 -4.30 1.98
N LEU A 156 10.39 -4.76 1.96
CA LEU A 156 10.73 -6.08 2.48
C LEU A 156 10.27 -6.27 3.93
N LEU A 157 10.57 -5.29 4.77
CA LEU A 157 10.31 -5.46 6.20
C LEU A 157 8.86 -5.17 6.58
N ASN A 158 8.20 -4.34 5.78
CA ASN A 158 6.88 -3.85 6.14
C ASN A 158 5.77 -4.68 5.56
N SER A 159 5.94 -5.22 4.35
CA SER A 159 4.74 -5.71 3.69
C SER A 159 4.11 -6.93 4.36
N GLY A 160 4.91 -7.70 5.09
CA GLY A 160 4.36 -8.85 5.78
C GLY A 160 4.24 -8.72 7.29
N VAL A 161 4.57 -7.56 7.84
CA VAL A 161 4.75 -7.44 9.28
C VAL A 161 3.42 -7.50 10.07
N TYR A 162 2.29 -7.20 9.43
CA TYR A 162 1.00 -7.22 10.13
C TYR A 162 0.22 -8.50 9.91
N THR A 163 0.80 -9.44 9.18
CA THR A 163 0.15 -10.71 8.94
C THR A 163 0.88 -11.82 9.69
N PHE A 164 1.72 -11.42 10.63
CA PHE A 164 2.39 -12.36 11.52
C PHE A 164 1.43 -12.91 12.57
N LYS A 175 8.48 -8.80 15.87
CA LYS A 175 7.58 -7.66 15.74
C LYS A 175 8.30 -6.36 16.06
N ASP A 176 8.67 -6.20 17.33
CA ASP A 176 9.36 -4.98 17.77
CA ASP A 176 9.34 -4.97 17.75
C ASP A 176 10.67 -4.79 17.03
N HIS A 177 11.39 -5.88 16.77
CA HIS A 177 12.67 -5.77 16.07
C HIS A 177 12.47 -5.19 14.67
N ILE A 178 11.49 -5.69 13.94
CA ILE A 178 11.21 -5.19 12.60
C ILE A 178 10.85 -3.70 12.64
N HIS A 179 10.06 -3.28 13.62
CA HIS A 179 9.68 -1.88 13.72
C HIS A 179 10.87 -0.99 14.05
N ARG A 180 11.79 -1.49 14.88
CA ARG A 180 12.99 -0.74 15.21
CA ARG A 180 12.98 -0.72 15.20
C ARG A 180 13.87 -0.56 13.98
N VAL A 181 13.97 -1.61 13.17
CA VAL A 181 14.76 -1.52 11.97
C VAL A 181 14.09 -0.57 10.99
N LEU A 182 12.77 -0.68 10.84
CA LEU A 182 12.02 0.28 10.01
C LEU A 182 12.28 1.72 10.45
N ASP A 183 12.26 1.97 11.76
CA ASP A 183 12.55 3.29 12.31
C ASP A 183 13.95 3.76 11.91
N LYS A 184 14.92 2.84 11.95
CA LYS A 184 16.28 3.16 11.53
C LYS A 184 16.34 3.55 10.05
N ILE A 185 15.55 2.90 9.22
CA ILE A 185 15.54 3.26 7.80
C ILE A 185 14.86 4.64 7.60
N THR A 186 13.83 4.94 8.38
CA THR A 186 13.26 6.30 8.35
C THR A 186 14.32 7.33 8.69
N ASP A 187 15.06 7.08 9.76
CA ASP A 187 16.16 7.95 10.15
C ASP A 187 17.12 8.15 8.98
N THR A 188 17.40 7.07 8.27
CA THR A 188 18.37 7.08 7.19
C THR A 188 17.83 7.89 6.02
N LEU A 189 16.55 7.73 5.69
CA LEU A 189 15.93 8.55 4.65
C LEU A 189 16.03 10.03 4.95
N ILE A 190 15.73 10.40 6.19
CA ILE A 190 15.76 11.81 6.58
C ILE A 190 17.19 12.34 6.50
N HIS A 191 18.15 11.52 6.94
CA HIS A 191 19.57 11.84 6.82
C HIS A 191 19.97 12.16 5.38
N LEU A 192 19.53 11.31 4.45
CA LEU A 192 19.83 11.52 3.03
C LEU A 192 19.26 12.84 2.54
N MET A 193 18.05 13.16 3.00
CA MET A 193 17.38 14.37 2.54
C MET A 193 18.03 15.60 3.13
N ALA A 194 18.43 15.50 4.40
CA ALA A 194 19.18 16.60 5.01
C ALA A 194 20.51 16.78 4.30
N LYS A 195 21.17 15.68 3.97
CA LYS A 195 22.47 15.76 3.28
C LYS A 195 22.31 16.43 1.92
N ALA A 196 21.13 16.28 1.32
CA ALA A 196 20.86 16.83 0.01
C ALA A 196 20.45 18.29 0.09
N GLY A 197 20.32 18.81 1.30
CA GLY A 197 20.07 20.23 1.48
C GLY A 197 18.61 20.62 1.67
N LEU A 198 17.74 19.63 1.79
CA LEU A 198 16.32 19.92 1.96
C LEU A 198 16.05 20.63 3.29
N THR A 199 15.11 21.56 3.29
CA THR A 199 14.69 22.20 4.54
C THR A 199 13.93 21.19 5.39
N LEU A 200 13.69 21.53 6.66
CA LEU A 200 12.95 20.64 7.55
C LEU A 200 11.57 20.27 7.00
N GLN A 201 10.86 21.25 6.45
CA GLN A 201 9.52 20.99 5.92
C GLN A 201 9.60 20.12 4.69
N GLN A 202 10.59 20.40 3.84
CA GLN A 202 10.82 19.62 2.64
C GLN A 202 11.14 18.15 2.95
N GLN A 203 11.86 17.94 4.06
CA GLN A 203 12.22 16.58 4.47
C GLN A 203 10.98 15.78 4.85
N HIS A 204 10.10 16.31 5.71
CA HIS A 204 8.97 15.47 6.09
C HIS A 204 7.99 15.35 4.93
N GLN A 205 7.90 16.36 4.08
CA GLN A 205 6.99 16.27 2.94
C GLN A 205 7.46 15.21 1.95
N ARG A 206 8.76 15.20 1.66
CA ARG A 206 9.30 14.18 0.77
C ARG A 206 9.18 12.77 1.34
N LEU A 207 9.51 12.61 2.61
CA LEU A 207 9.32 11.34 3.29
C LEU A 207 7.91 10.82 3.08
N ALA A 208 6.92 11.69 3.30
CA ALA A 208 5.54 11.26 3.14
C ALA A 208 5.22 10.90 1.69
N GLN A 209 5.67 11.73 0.76
CA GLN A 209 5.44 11.47 -0.67
C GLN A 209 5.94 10.09 -1.06
N LEU A 210 7.13 9.75 -0.59
CA LEU A 210 7.73 8.47 -0.95
C LEU A 210 6.95 7.32 -0.35
N LEU A 211 6.52 7.48 0.90
CA LEU A 211 5.88 6.37 1.58
C LEU A 211 4.48 6.15 1.03
N LEU A 212 3.83 7.23 0.57
CA LEU A 212 2.51 7.07 -0.05
C LEU A 212 2.61 6.33 -1.38
N ILE A 213 3.70 6.51 -2.09
CA ILE A 213 3.91 5.75 -3.34
C ILE A 213 3.98 4.27 -3.03
N LEU A 214 4.44 3.92 -1.84
CA LEU A 214 4.48 2.50 -1.47
C LEU A 214 3.08 1.88 -1.40
N SER A 215 2.06 2.69 -1.06
CA SER A 215 0.68 2.19 -1.10
C SER A 215 0.28 1.83 -2.52
N HIS A 216 0.70 2.70 -3.42
CA HIS A 216 0.53 2.40 -4.85
C HIS A 216 1.22 1.08 -5.50
N ILE A 217 2.41 0.94 -4.88
CA ILE A 217 3.20 -0.25 -5.27
C ILE A 217 2.52 -1.50 -4.73
N ARG A 218 2.01 -1.43 -3.51
CA ARG A 218 1.23 -2.54 -2.95
C ARG A 218 0.03 -2.82 -3.85
N HIS A 219 -0.69 -1.76 -4.25
CA HIS A 219 -1.87 -1.93 -5.08
C HIS A 219 -1.50 -2.65 -6.40
N MET A 220 -0.44 -2.20 -7.03
CA MET A 220 -0.02 -2.84 -8.28
C MET A 220 0.33 -4.31 -8.07
N SER A 221 1.03 -4.61 -6.98
CA SER A 221 1.41 -5.98 -6.69
C SER A 221 0.19 -6.84 -6.46
N ASN A 222 -0.81 -6.29 -5.77
CA ASN A 222 -2.03 -7.04 -5.54
C ASN A 222 -2.66 -7.44 -6.86
N LYS A 223 -2.76 -6.49 -7.79
CA LYS A 223 -3.41 -6.75 -9.05
C LYS A 223 -2.55 -7.64 -9.94
N GLY A 224 -1.24 -7.46 -9.88
CA GLY A 224 -0.33 -8.29 -10.66
C GLY A 224 -0.40 -9.74 -10.20
N MET A 225 -0.50 -9.93 -8.91
CA MET A 225 -0.57 -11.27 -8.32
C MET A 225 -1.81 -12.04 -8.80
N GLU A 226 -2.94 -11.35 -8.91
CA GLU A 226 -4.16 -11.93 -9.45
C GLU A 226 -3.97 -12.35 -10.88
N HIS A 227 -3.25 -11.55 -11.63
CA HIS A 227 -3.00 -11.89 -13.00
C HIS A 227 -2.10 -13.09 -13.08
N LEU A 228 -1.08 -13.18 -12.22
CA LEU A 228 -0.20 -14.34 -12.22
C LEU A 228 -0.96 -15.62 -11.87
N TYR A 229 -1.96 -15.50 -10.98
CA TYR A 229 -2.81 -16.63 -10.64
C TYR A 229 -3.64 -17.07 -11.83
N SER A 230 -4.20 -16.11 -12.54
CA SER A 230 -4.91 -16.40 -13.78
C SER A 230 -3.98 -17.10 -14.76
N MET A 231 -2.74 -16.66 -14.80
CA MET A 231 -1.70 -17.28 -15.63
CA MET A 231 -1.70 -17.27 -15.61
C MET A 231 -1.54 -18.75 -15.25
N LYS A 232 -1.36 -19.00 -13.96
CA LYS A 232 -1.23 -20.37 -13.45
C LYS A 232 -2.39 -21.28 -13.87
N CYS A 233 -3.61 -20.81 -13.61
CA CYS A 233 -4.81 -21.60 -13.87
C CYS A 233 -5.01 -21.91 -15.35
N LYS A 234 -4.71 -20.93 -16.20
CA LYS A 234 -4.86 -21.12 -17.64
C LYS A 234 -3.82 -22.08 -18.19
N ASN A 235 -2.81 -22.38 -17.37
CA ASN A 235 -1.69 -23.22 -17.78
C ASN A 235 -1.07 -22.73 -19.08
N VAL A 236 -1.08 -21.42 -19.26
CA VAL A 236 -0.50 -20.78 -20.44
C VAL A 236 0.99 -21.11 -20.58
N VAL A 237 1.81 -20.57 -19.69
CA VAL A 237 3.25 -20.74 -19.75
C VAL A 237 3.71 -21.61 -18.59
N PRO A 238 4.74 -22.44 -18.82
CA PRO A 238 5.28 -23.25 -17.73
C PRO A 238 5.83 -22.37 -16.62
N LEU A 239 5.34 -22.57 -15.41
CA LEU A 239 5.81 -21.80 -14.27
C LEU A 239 6.74 -22.66 -13.41
N SER A 240 7.83 -22.07 -12.93
CA SER A 240 8.78 -22.79 -12.09
C SER A 240 8.15 -23.10 -10.75
N ASP A 241 8.69 -24.10 -10.08
CA ASP A 241 8.19 -24.48 -8.76
C ASP A 241 8.42 -23.38 -7.74
N LEU A 242 9.51 -22.65 -7.85
CA LEU A 242 9.74 -21.53 -6.93
C LEU A 242 8.67 -20.45 -7.11
N LEU A 243 8.39 -20.09 -8.33
CA LEU A 243 7.37 -19.13 -8.61
C LEU A 243 6.04 -19.62 -8.11
N LEU A 244 5.72 -20.86 -8.37
CA LEU A 244 4.43 -21.40 -7.94
C LEU A 244 4.27 -21.32 -6.43
N GLU A 245 5.33 -21.67 -5.71
CA GLU A 245 5.29 -21.57 -4.25
C GLU A 245 5.19 -20.12 -3.77
N MET A 246 5.87 -19.18 -4.43
CA MET A 246 5.80 -17.75 -4.05
C MET A 246 4.41 -17.19 -4.31
N LEU A 247 3.84 -17.61 -5.41
CA LEU A 247 2.50 -17.19 -5.82
C LEU A 247 1.44 -17.79 -4.90
N ASP A 248 1.61 -19.06 -4.56
N ASP A 248 1.63 -19.05 -4.53
CA ASP A 248 0.65 -19.78 -3.71
CA ASP A 248 0.65 -19.78 -3.72
C ASP A 248 0.50 -19.13 -2.33
C ASP A 248 0.51 -19.16 -2.32
N ALA A 249 1.56 -18.45 -1.88
CA ALA A 249 1.54 -17.82 -0.56
C ALA A 249 0.49 -16.71 -0.49
N HIS A 250 0.04 -16.24 -1.65
CA HIS A 250 -0.96 -15.18 -1.72
C HIS A 250 -2.37 -15.65 -1.99
N ARG A 251 -2.57 -16.97 -2.02
CA ARG A 251 -3.90 -17.49 -2.32
C ARG A 251 -4.79 -17.45 -1.08
N LEU B 9 -8.00 27.65 -1.55
CA LEU B 9 -8.88 27.62 -0.38
C LEU B 9 -8.33 26.70 0.70
N ALA B 10 -8.12 25.44 0.34
CA ALA B 10 -7.57 24.46 1.26
C ALA B 10 -6.13 24.78 1.65
N LEU B 11 -5.44 25.52 0.80
CA LEU B 11 -4.01 25.72 0.96
C LEU B 11 -3.68 26.84 1.92
N SER B 12 -4.71 27.52 2.43
CA SER B 12 -4.51 28.67 3.29
C SER B 12 -4.74 28.35 4.77
N LEU B 13 -5.37 27.22 5.04
CA LEU B 13 -5.65 26.82 6.41
C LEU B 13 -4.37 26.58 7.21
N THR B 14 -4.38 27.00 8.47
CA THR B 14 -3.29 26.61 9.37
C THR B 14 -3.49 25.15 9.76
N ALA B 15 -2.49 24.57 10.40
CA ALA B 15 -2.59 23.19 10.85
C ALA B 15 -3.74 23.01 11.83
N ASP B 16 -3.86 23.93 12.79
CA ASP B 16 -4.95 23.82 13.76
C ASP B 16 -6.31 23.95 13.06
N GLN B 17 -6.39 24.85 12.08
CA GLN B 17 -7.63 25.03 11.32
C GLN B 17 -7.98 23.80 10.50
N MET B 18 -6.97 23.15 9.94
CA MET B 18 -7.16 21.91 9.19
C MET B 18 -7.70 20.80 10.10
N VAL B 19 -7.10 20.63 11.27
CA VAL B 19 -7.58 19.64 12.24
C VAL B 19 -9.03 19.91 12.65
N SER B 20 -9.34 21.16 12.96
CA SER B 20 -10.70 21.53 13.35
CA SER B 20 -10.70 21.52 13.36
C SER B 20 -11.68 21.20 12.24
N ALA B 21 -11.31 21.52 11.00
CA ALA B 21 -12.16 21.27 9.84
C ALA B 21 -12.44 19.78 9.66
N LEU B 22 -11.39 18.97 9.79
CA LEU B 22 -11.56 17.53 9.63
C LEU B 22 -12.38 16.92 10.76
N LEU B 23 -12.12 17.35 12.00
CA LEU B 23 -12.89 16.85 13.14
C LEU B 23 -14.38 17.18 13.00
N ASP B 24 -14.68 18.41 12.57
CA ASP B 24 -16.07 18.83 12.43
C ASP B 24 -16.76 18.10 11.28
N ALA B 25 -15.97 17.58 10.36
CA ALA B 25 -16.53 16.93 9.18
C ALA B 25 -16.85 15.46 9.44
N GLU B 26 -16.45 14.94 10.59
CA GLU B 26 -16.58 13.50 10.87
C GLU B 26 -18.02 13.02 10.70
N PRO B 27 -18.19 11.88 10.01
CA PRO B 27 -19.51 11.25 9.88
C PRO B 27 -19.99 10.71 11.23
N PRO B 28 -21.30 10.49 11.36
CA PRO B 28 -21.77 9.86 12.59
C PRO B 28 -21.50 8.36 12.61
N ILE B 29 -21.56 7.76 13.79
CA ILE B 29 -21.44 6.30 13.86
C ILE B 29 -22.84 5.71 13.78
N LEU B 30 -23.08 4.86 12.78
CA LEU B 30 -24.41 4.36 12.53
C LEU B 30 -24.69 3.04 13.22
N TYR B 31 -25.96 2.76 13.48
CA TYR B 31 -26.33 1.49 14.07
C TYR B 31 -26.64 0.46 13.01
N SER B 32 -26.46 -0.81 13.36
CA SER B 32 -26.86 -1.90 12.50
C SER B 32 -28.25 -2.36 12.90
N GLU B 33 -28.78 -3.32 12.15
CA GLU B 33 -30.05 -3.95 12.48
C GLU B 33 -29.85 -5.25 13.25
N TYR B 34 -28.67 -5.47 13.82
CA TYR B 34 -28.42 -6.71 14.54
C TYR B 34 -29.39 -6.87 15.71
N ASP B 35 -29.90 -8.09 15.85
CA ASP B 35 -30.79 -8.49 16.92
C ASP B 35 -30.22 -9.75 17.56
N PRO B 36 -29.76 -9.66 18.82
CA PRO B 36 -29.17 -10.82 19.50
C PRO B 36 -30.16 -11.96 19.72
N THR B 37 -31.45 -11.68 19.64
CA THR B 37 -32.46 -12.72 19.88
C THR B 37 -32.85 -13.40 18.57
N ARG B 38 -32.32 -12.88 17.46
CA ARG B 38 -32.60 -13.45 16.14
C ARG B 38 -31.43 -14.30 15.69
N PRO B 39 -31.70 -15.50 15.16
CA PRO B 39 -30.60 -16.26 14.56
C PRO B 39 -30.17 -15.65 13.23
N PHE B 40 -28.88 -15.66 12.95
CA PHE B 40 -28.41 -15.16 11.67
C PHE B 40 -27.62 -16.23 10.92
N SER B 41 -27.86 -16.31 9.62
CA SER B 41 -27.06 -17.15 8.73
C SER B 41 -25.91 -16.31 8.20
N GLU B 42 -25.00 -16.96 7.46
CA GLU B 42 -23.91 -16.25 6.82
C GLU B 42 -24.48 -15.22 5.87
N ALA B 43 -25.57 -15.58 5.20
CA ALA B 43 -26.23 -14.69 4.25
C ALA B 43 -26.82 -13.45 4.93
N SER B 44 -27.53 -13.66 6.03
CA SER B 44 -28.19 -12.54 6.70
C SER B 44 -27.20 -11.64 7.45
N MET B 45 -26.09 -12.21 7.91
CA MET B 45 -25.05 -11.41 8.54
C MET B 45 -24.37 -10.50 7.53
N MET B 46 -24.09 -11.04 6.35
CA MET B 46 -23.61 -10.23 5.23
C MET B 46 -24.61 -9.14 4.89
N GLY B 47 -25.88 -9.48 4.99
CA GLY B 47 -26.94 -8.53 4.72
C GLY B 47 -26.87 -7.37 5.68
N LEU B 48 -26.66 -7.67 6.97
CA LEU B 48 -26.50 -6.63 7.98
C LEU B 48 -25.37 -5.70 7.61
N LEU B 49 -24.22 -6.28 7.22
CA LEU B 49 -23.03 -5.48 6.97
C LEU B 49 -23.18 -4.69 5.68
N THR B 50 -23.84 -5.29 4.70
CA THR B 50 -24.16 -4.58 3.46
C THR B 50 -25.07 -3.39 3.72
N ASN B 51 -26.13 -3.64 4.47
CA ASN B 51 -27.04 -2.58 4.82
C ASN B 51 -26.31 -1.43 5.53
N LEU B 52 -25.42 -1.80 6.44
CA LEU B 52 -24.68 -0.82 7.21
C LEU B 52 -23.73 -0.04 6.31
N ALA B 53 -22.94 -0.76 5.51
CA ALA B 53 -21.97 -0.10 4.66
C ALA B 53 -22.67 0.84 3.69
N ASP B 54 -23.81 0.41 3.16
CA ASP B 54 -24.55 1.21 2.19
C ASP B 54 -24.97 2.54 2.81
N ARG B 55 -25.42 2.50 4.06
CA ARG B 55 -25.83 3.73 4.71
C ARG B 55 -24.60 4.58 5.04
N GLU B 56 -23.51 3.95 5.43
CA GLU B 56 -22.28 4.69 5.68
C GLU B 56 -21.79 5.44 4.45
N LEU B 57 -21.93 4.83 3.27
CA LEU B 57 -21.44 5.45 2.05
C LEU B 57 -22.07 6.81 1.79
N VAL B 58 -23.35 6.93 2.12
CA VAL B 58 -24.06 8.18 1.95
C VAL B 58 -23.42 9.25 2.85
N HIS B 59 -23.11 8.88 4.09
CA HIS B 59 -22.43 9.84 4.95
C HIS B 59 -21.01 10.11 4.51
N MET B 60 -20.37 9.10 3.93
CA MET B 60 -18.99 9.26 3.47
C MET B 60 -18.91 10.27 2.32
N ILE B 61 -19.88 10.20 1.41
CA ILE B 61 -19.91 11.13 0.29
C ILE B 61 -20.01 12.58 0.79
N ASN B 62 -20.81 12.81 1.82
CA ASN B 62 -20.97 14.15 2.34
C ASN B 62 -19.77 14.59 3.16
N TRP B 63 -19.10 13.62 3.78
CA TRP B 63 -17.86 13.89 4.49
C TRP B 63 -16.78 14.31 3.50
N ALA B 64 -16.71 13.60 2.38
CA ALA B 64 -15.68 13.86 1.37
C ALA B 64 -15.76 15.31 0.88
N LYS B 65 -16.98 15.82 0.78
CA LYS B 65 -17.16 17.18 0.28
C LYS B 65 -16.57 18.22 1.23
N ARG B 66 -16.34 17.81 2.48
CA ARG B 66 -15.86 18.73 3.51
C ARG B 66 -14.38 18.55 3.79
N VAL B 67 -13.75 17.58 3.13
CA VAL B 67 -12.31 17.45 3.21
C VAL B 67 -11.70 18.57 2.39
N PRO B 68 -10.88 19.42 3.04
CA PRO B 68 -10.31 20.57 2.33
C PRO B 68 -9.64 20.17 1.02
N GLY B 69 -9.99 20.86 -0.06
CA GLY B 69 -9.44 20.56 -1.37
C GLY B 69 -10.33 19.71 -2.27
N PHE B 70 -11.16 18.86 -1.68
CA PHE B 70 -11.92 17.88 -2.46
C PHE B 70 -12.90 18.54 -3.44
N VAL B 71 -13.59 19.58 -3.00
CA VAL B 71 -14.58 20.25 -3.85
C VAL B 71 -13.95 21.05 -4.99
N ASP B 72 -12.65 21.32 -4.89
CA ASP B 72 -11.93 22.01 -5.95
C ASP B 72 -11.75 21.11 -7.18
N LEU B 73 -11.96 19.80 -7.01
CA LEU B 73 -11.80 18.86 -8.11
C LEU B 73 -13.06 18.77 -8.95
N THR B 74 -12.90 18.29 -10.18
CA THR B 74 -14.05 18.06 -11.05
C THR B 74 -14.88 16.91 -10.49
N LEU B 75 -16.14 16.86 -10.89
CA LEU B 75 -17.03 15.79 -10.48
C LEU B 75 -16.48 14.42 -10.86
N HIS B 76 -15.95 14.32 -12.08
CA HIS B 76 -15.43 13.05 -12.58
C HIS B 76 -14.27 12.57 -11.70
N ASP B 77 -13.41 13.50 -11.26
CA ASP B 77 -12.29 13.14 -10.39
C ASP B 77 -12.73 12.84 -8.96
N GLN B 78 -13.75 13.56 -8.49
CA GLN B 78 -14.29 13.26 -7.18
C GLN B 78 -14.85 11.84 -7.17
N VAL B 79 -15.56 11.47 -8.24
CA VAL B 79 -16.12 10.14 -8.37
C VAL B 79 -15.00 9.08 -8.34
N HIS B 80 -13.94 9.33 -9.11
CA HIS B 80 -12.82 8.39 -9.21
C HIS B 80 -12.16 8.16 -7.85
N LEU B 81 -11.92 9.23 -7.10
CA LEU B 81 -11.27 9.09 -5.81
C LEU B 81 -12.11 8.28 -4.84
N LEU B 82 -13.42 8.54 -4.82
CA LEU B 82 -14.30 7.81 -3.92
C LEU B 82 -14.46 6.35 -4.35
N GLU B 83 -14.56 6.08 -5.65
CA GLU B 83 -14.58 4.70 -6.15
C GLU B 83 -13.34 3.94 -5.70
N CYS B 84 -12.19 4.60 -5.78
CA CYS B 84 -10.96 3.94 -5.41
C CYS B 84 -10.81 3.68 -3.92
N ALA B 85 -11.28 4.64 -3.12
CA ALA B 85 -10.94 4.64 -1.71
C ALA B 85 -12.03 4.17 -0.76
N TRP B 86 -13.25 3.95 -1.23
CA TRP B 86 -14.38 3.83 -0.28
C TRP B 86 -14.21 2.68 0.72
N LEU B 87 -13.69 1.55 0.27
CA LEU B 87 -13.58 0.39 1.16
C LEU B 87 -12.45 0.62 2.15
N GLU B 88 -11.35 1.22 1.68
CA GLU B 88 -10.27 1.60 2.58
C GLU B 88 -10.79 2.53 3.67
N ILE B 89 -11.66 3.48 3.28
CA ILE B 89 -12.16 4.45 4.23
C ILE B 89 -13.13 3.78 5.21
N LEU B 90 -14.00 2.89 4.73
CA LEU B 90 -14.84 2.14 5.67
C LEU B 90 -13.97 1.34 6.64
N MET B 91 -12.93 0.72 6.09
CA MET B 91 -12.07 -0.11 6.92
C MET B 91 -11.31 0.67 7.97
N ILE B 92 -10.71 1.81 7.60
CA ILE B 92 -9.97 2.55 8.61
C ILE B 92 -10.94 3.08 9.67
N GLY B 93 -12.15 3.44 9.28
CA GLY B 93 -13.14 3.83 10.26
C GLY B 93 -13.46 2.69 11.23
N LEU B 94 -13.64 1.50 10.68
CA LEU B 94 -13.92 0.32 11.50
C LEU B 94 -12.80 0.04 12.49
N VAL B 95 -11.57 0.11 11.99
CA VAL B 95 -10.41 -0.18 12.82
C VAL B 95 -10.26 0.88 13.93
N TRP B 96 -10.52 2.14 13.59
CA TRP B 96 -10.50 3.22 14.58
C TRP B 96 -11.49 2.99 15.72
N ARG B 97 -12.74 2.66 15.39
CA ARG B 97 -13.72 2.53 16.48
C ARG B 97 -13.60 1.17 17.18
N SER B 98 -12.78 0.26 16.65
CA SER B 98 -12.54 -1.02 17.30
C SER B 98 -11.32 -1.00 18.22
N MET B 99 -10.59 0.11 18.25
CA MET B 99 -9.32 0.19 18.96
C MET B 99 -9.40 -0.26 20.41
N GLU B 100 -10.42 0.23 21.11
CA GLU B 100 -10.58 -0.04 22.54
C GLU B 100 -11.40 -1.29 22.78
N HIS B 101 -11.48 -2.14 21.75
CA HIS B 101 -12.12 -3.44 21.88
C HIS B 101 -11.20 -4.56 21.40
N PRO B 102 -10.15 -4.88 22.19
CA PRO B 102 -9.16 -5.89 21.84
C PRO B 102 -9.78 -7.21 21.38
N GLY B 103 -9.39 -7.69 20.21
CA GLY B 103 -9.88 -8.94 19.70
C GLY B 103 -11.24 -8.86 19.03
N LYS B 104 -11.83 -7.67 18.98
CA LYS B 104 -13.13 -7.56 18.34
C LYS B 104 -13.23 -6.40 17.35
N LEU B 105 -14.21 -6.50 16.46
CA LEU B 105 -14.50 -5.47 15.50
C LEU B 105 -15.86 -4.87 15.82
N LEU B 106 -15.85 -3.57 16.07
CA LEU B 106 -17.08 -2.84 16.40
C LEU B 106 -17.67 -2.26 15.14
N PHE B 107 -18.41 -3.08 14.40
CA PHE B 107 -19.00 -2.60 13.15
C PHE B 107 -19.98 -1.47 13.44
N ALA B 108 -20.70 -1.61 14.54
CA ALA B 108 -21.66 -0.62 15.03
C ALA B 108 -21.72 -0.74 16.54
N PRO B 109 -22.26 0.27 17.23
CA PRO B 109 -22.35 0.16 18.70
C PRO B 109 -23.11 -1.08 19.13
N ASN B 110 -24.04 -1.54 18.29
CA ASN B 110 -24.84 -2.72 18.61
C ASN B 110 -24.40 -3.95 17.82
N LEU B 111 -23.20 -3.89 17.24
CA LEU B 111 -22.67 -5.03 16.48
C LEU B 111 -21.17 -5.16 16.70
N LEU B 112 -20.81 -5.91 17.74
CA LEU B 112 -19.42 -6.16 18.09
C LEU B 112 -19.11 -7.64 17.88
N LEU B 113 -18.22 -7.93 16.95
CA LEU B 113 -17.89 -9.29 16.57
C LEU B 113 -16.41 -9.61 16.81
N ASP B 114 -16.11 -10.83 17.25
CA ASP B 114 -14.72 -11.29 17.19
C ASP B 114 -14.55 -12.34 16.09
N ARG B 115 -13.35 -12.90 15.96
CA ARG B 115 -12.97 -13.62 14.76
C ARG B 115 -13.71 -14.95 14.56
N ASN B 116 -14.08 -15.63 15.65
CA ASN B 116 -14.80 -16.91 15.52
C ASN B 116 -16.19 -16.72 14.91
N GLN B 117 -16.62 -15.47 14.77
CA GLN B 117 -17.78 -15.14 13.96
C GLN B 117 -17.30 -14.70 12.59
N GLY B 118 -17.51 -15.55 11.60
CA GLY B 118 -17.04 -15.28 10.24
C GLY B 118 -17.19 -16.51 9.36
N LYS B 119 -16.88 -16.35 8.08
CA LYS B 119 -16.98 -17.41 7.07
C LYS B 119 -16.54 -16.92 5.69
N MET B 124 -12.80 -14.00 4.45
CA MET B 124 -13.61 -13.22 5.40
C MET B 124 -12.92 -13.16 6.76
N VAL B 125 -12.73 -14.32 7.38
CA VAL B 125 -11.97 -14.38 8.62
C VAL B 125 -10.54 -13.92 8.34
N GLU B 126 -10.08 -14.15 7.12
CA GLU B 126 -8.78 -13.64 6.69
C GLU B 126 -8.74 -12.12 6.76
N ILE B 127 -9.77 -11.48 6.21
CA ILE B 127 -9.88 -10.03 6.26
C ILE B 127 -10.08 -9.57 7.71
N PHE B 128 -10.91 -10.31 8.44
CA PHE B 128 -11.16 -9.97 9.84
CA PHE B 128 -11.17 -10.04 9.85
C PHE B 128 -9.87 -9.96 10.64
N ASP B 129 -9.02 -10.96 10.46
CA ASP B 129 -7.75 -11.02 11.17
C ASP B 129 -6.84 -9.85 10.84
N MET B 130 -6.84 -9.47 9.57
CA MET B 130 -6.04 -8.33 9.16
C MET B 130 -6.58 -7.04 9.79
N LEU B 131 -7.90 -6.92 9.89
CA LEU B 131 -8.50 -5.70 10.45
C LEU B 131 -8.18 -5.63 11.94
N LEU B 132 -8.29 -6.77 12.61
CA LEU B 132 -7.91 -6.91 14.00
C LEU B 132 -6.46 -6.53 14.23
N ALA B 133 -5.58 -7.02 13.36
CA ALA B 133 -4.15 -6.70 13.43
C ALA B 133 -3.90 -5.21 13.31
N THR B 134 -4.65 -4.55 12.43
CA THR B 134 -4.50 -3.12 12.23
C THR B 134 -4.97 -2.36 13.46
N SER B 135 -6.09 -2.79 14.03
CA SER B 135 -6.64 -2.18 15.22
C SER B 135 -5.64 -2.28 16.36
N SER B 136 -5.01 -3.46 16.49
CA SER B 136 -4.00 -3.67 17.52
C SER B 136 -2.83 -2.72 17.30
N ARG B 137 -2.43 -2.57 16.04
CA ARG B 137 -1.32 -1.68 15.71
C ARG B 137 -1.63 -0.23 16.10
N PHE B 138 -2.84 0.22 15.79
CA PHE B 138 -3.28 1.55 16.19
C PHE B 138 -3.25 1.71 17.71
N ARG B 139 -3.67 0.67 18.41
CA ARG B 139 -3.78 0.71 19.85
C ARG B 139 -2.39 0.83 20.49
N MET B 140 -1.46 0.01 20.01
CA MET B 140 -0.07 0.05 20.46
C MET B 140 0.55 1.43 20.24
N MET B 141 0.28 2.04 19.09
CA MET B 141 0.83 3.36 18.77
C MET B 141 0.10 4.48 19.49
N ASN B 142 -0.99 4.13 20.15
CA ASN B 142 -1.88 5.11 20.76
C ASN B 142 -2.28 6.19 19.76
N LEU B 143 -2.87 5.75 18.64
CA LEU B 143 -3.32 6.64 17.58
C LEU B 143 -4.32 7.65 18.12
N GLN B 144 -4.12 8.92 17.78
CA GLN B 144 -5.00 9.98 18.25
C GLN B 144 -6.07 10.31 17.21
N GLY B 145 -7.23 10.77 17.70
CA GLY B 145 -8.34 11.13 16.82
C GLY B 145 -7.92 12.13 15.75
N GLU B 146 -7.11 13.11 16.14
CA GLU B 146 -6.62 14.09 15.20
C GLU B 146 -5.74 13.46 14.11
N GLU B 147 -4.90 12.50 14.51
CA GLU B 147 -4.10 11.75 13.53
C GLU B 147 -4.98 10.90 12.61
N PHE B 148 -5.97 10.22 13.21
CA PHE B 148 -6.89 9.39 12.44
C PHE B 148 -7.61 10.18 11.33
N VAL B 149 -8.13 11.36 11.62
CA VAL B 149 -8.87 12.08 10.59
C VAL B 149 -7.91 12.57 9.49
N CYS B 150 -6.66 12.84 9.85
CA CYS B 150 -5.66 13.17 8.83
C CYS B 150 -5.40 11.98 7.91
N LEU B 151 -5.22 10.80 8.52
CA LEU B 151 -4.97 9.59 7.75
C LEU B 151 -6.13 9.26 6.82
N LYS B 152 -7.35 9.42 7.31
CA LYS B 152 -8.51 9.08 6.50
C LYS B 152 -8.61 10.00 5.28
N SER B 153 -8.31 11.28 5.45
CA SER B 153 -8.29 12.21 4.33
C SER B 153 -7.16 11.94 3.35
N ILE B 154 -6.01 11.50 3.85
CA ILE B 154 -4.93 11.10 2.97
C ILE B 154 -5.39 9.96 2.07
N ILE B 155 -6.09 8.96 2.63
CA ILE B 155 -6.58 7.86 1.80
C ILE B 155 -7.48 8.34 0.66
N LEU B 156 -8.42 9.22 0.98
CA LEU B 156 -9.36 9.74 -0.02
C LEU B 156 -8.62 10.38 -1.19
N LEU B 157 -7.60 11.18 -0.85
CA LEU B 157 -6.91 11.97 -1.85
C LEU B 157 -5.84 11.17 -2.58
N ASN B 158 -5.25 10.21 -1.87
CA ASN B 158 -4.11 9.47 -2.40
C ASN B 158 -4.46 8.20 -3.19
N SER B 159 -5.48 7.46 -2.76
CA SER B 159 -5.63 6.09 -3.28
C SER B 159 -5.86 6.05 -4.78
N GLY B 160 -6.60 7.02 -5.31
CA GLY B 160 -6.89 7.04 -6.73
C GLY B 160 -6.03 7.97 -7.57
N VAL B 161 -5.07 8.64 -6.94
CA VAL B 161 -4.36 9.72 -7.62
C VAL B 161 -3.43 9.25 -8.75
N TYR B 162 -3.01 7.98 -8.75
CA TYR B 162 -2.12 7.50 -9.80
C TYR B 162 -2.83 6.60 -10.81
N THR B 163 -4.16 6.65 -10.82
CA THR B 163 -4.92 5.85 -11.76
C THR B 163 -6.03 6.66 -12.45
N PHE B 164 -5.84 7.98 -12.54
CA PHE B 164 -6.81 8.84 -13.21
C PHE B 164 -7.03 8.44 -14.67
N SER B 171 -5.69 18.92 -15.80
CA SER B 171 -5.63 17.46 -15.77
C SER B 171 -4.41 16.99 -15.00
N LEU B 172 -3.22 17.34 -15.48
CA LEU B 172 -2.02 17.16 -14.67
C LEU B 172 -2.05 18.20 -13.56
N GLU B 173 -2.75 19.30 -13.82
CA GLU B 173 -2.94 20.36 -12.84
C GLU B 173 -3.81 19.88 -11.67
N GLU B 174 -4.82 19.08 -11.99
CA GLU B 174 -5.72 18.53 -10.99
C GLU B 174 -4.95 17.68 -9.99
N LYS B 175 -4.01 16.89 -10.51
CA LYS B 175 -3.19 16.01 -9.71
C LYS B 175 -2.18 16.77 -8.86
N ASP B 176 -1.64 17.86 -9.41
CA ASP B 176 -0.69 18.67 -8.66
C ASP B 176 -1.37 19.32 -7.47
N HIS B 177 -2.62 19.73 -7.66
CA HIS B 177 -3.38 20.35 -6.58
C HIS B 177 -3.64 19.34 -5.45
N ILE B 178 -3.98 18.10 -5.81
CA ILE B 178 -4.16 17.05 -4.83
C ILE B 178 -2.86 16.84 -4.06
N HIS B 179 -1.73 16.85 -4.77
CA HIS B 179 -0.46 16.61 -4.11
C HIS B 179 -0.10 17.76 -3.17
N ARG B 180 -0.50 18.98 -3.51
CA ARG B 180 -0.33 20.12 -2.62
C ARG B 180 -1.14 19.99 -1.33
N VAL B 181 -2.38 19.50 -1.45
CA VAL B 181 -3.23 19.32 -0.30
C VAL B 181 -2.67 18.17 0.55
N LEU B 182 -2.15 17.12 -0.10
CA LEU B 182 -1.57 16.02 0.64
C LEU B 182 -0.36 16.49 1.45
N ASP B 183 0.44 17.38 0.88
CA ASP B 183 1.58 17.98 1.58
C ASP B 183 1.12 18.75 2.83
N LYS B 184 0.01 19.48 2.71
CA LYS B 184 -0.51 20.20 3.86
CA LYS B 184 -0.50 20.20 3.85
C LYS B 184 -0.96 19.23 4.95
N ILE B 185 -1.56 18.12 4.56
CA ILE B 185 -1.97 17.15 5.57
C ILE B 185 -0.74 16.55 6.26
N THR B 186 0.33 16.28 5.51
CA THR B 186 1.59 15.90 6.15
C THR B 186 2.08 16.94 7.16
N ASP B 187 2.10 18.21 6.76
CA ASP B 187 2.43 19.31 7.68
C ASP B 187 1.58 19.28 8.94
N THR B 188 0.30 18.98 8.75
CA THR B 188 -0.62 18.97 9.87
C THR B 188 -0.28 17.82 10.82
N LEU B 189 0.05 16.65 10.26
CA LEU B 189 0.42 15.51 11.11
C LEU B 189 1.65 15.84 11.94
N ILE B 190 2.65 16.44 11.31
CA ILE B 190 3.89 16.80 11.99
C ILE B 190 3.62 17.84 13.09
N HIS B 191 2.74 18.78 12.79
CA HIS B 191 2.31 19.78 13.76
C HIS B 191 1.75 19.14 15.03
N LEU B 192 0.86 18.15 14.83
CA LEU B 192 0.23 17.44 15.94
C LEU B 192 1.25 16.73 16.82
N MET B 193 2.24 16.12 16.17
CA MET B 193 3.24 15.33 16.88
C MET B 193 4.20 16.22 17.63
N ALA B 194 4.57 17.34 17.01
CA ALA B 194 5.38 18.33 17.70
C ALA B 194 4.65 18.88 18.93
N LYS B 195 3.35 19.10 18.78
CA LYS B 195 2.55 19.62 19.89
C LYS B 195 2.47 18.60 21.04
N ALA B 196 2.53 17.32 20.70
CA ALA B 196 2.51 16.25 21.71
C ALA B 196 3.89 16.04 22.33
N GLY B 197 4.86 16.85 21.93
CA GLY B 197 6.15 16.87 22.59
C GLY B 197 7.16 15.92 21.96
N LEU B 198 6.82 15.30 20.85
CA LEU B 198 7.76 14.37 20.25
C LEU B 198 8.99 15.13 19.72
N THR B 199 10.17 14.54 19.87
CA THR B 199 11.38 15.10 19.27
C THR B 199 11.22 15.01 17.75
N LEU B 200 12.04 15.76 17.03
CA LEU B 200 11.96 15.76 15.56
C LEU B 200 12.18 14.35 14.99
N GLN B 201 13.10 13.60 15.58
CA GLN B 201 13.34 12.23 15.15
C GLN B 201 12.11 11.37 15.43
N GLN B 202 11.46 11.62 16.57
CA GLN B 202 10.27 10.85 16.90
C GLN B 202 9.11 11.21 15.96
N GLN B 203 9.06 12.48 15.56
CA GLN B 203 8.01 12.94 14.65
C GLN B 203 8.14 12.24 13.31
N HIS B 204 9.34 12.25 12.76
CA HIS B 204 9.58 11.62 11.46
C HIS B 204 9.32 10.11 11.53
N GLN B 205 9.73 9.47 12.62
CA GLN B 205 9.49 8.04 12.77
C GLN B 205 8.00 7.72 12.85
N ARG B 206 7.26 8.51 13.64
CA ARG B 206 5.84 8.26 13.78
C ARG B 206 5.08 8.54 12.48
N LEU B 207 5.44 9.62 11.78
CA LEU B 207 4.87 9.90 10.47
C LEU B 207 5.02 8.68 9.55
N ALA B 208 6.22 8.12 9.48
CA ALA B 208 6.46 6.94 8.65
C ALA B 208 5.64 5.74 9.11
N GLN B 209 5.57 5.49 10.42
CA GLN B 209 4.80 4.38 10.97
C GLN B 209 3.37 4.48 10.49
N LEU B 210 2.80 5.68 10.62
CA LEU B 210 1.42 5.89 10.22
C LEU B 210 1.20 5.68 8.73
N LEU B 211 2.05 6.27 7.90
CA LEU B 211 1.87 6.13 6.46
C LEU B 211 2.10 4.68 5.97
N LEU B 212 2.98 3.92 6.61
CA LEU B 212 3.16 2.53 6.18
C LEU B 212 1.90 1.68 6.46
N ILE B 213 1.13 2.05 7.49
CA ILE B 213 -0.10 1.31 7.78
C ILE B 213 -1.07 1.48 6.61
N LEU B 214 -0.98 2.60 5.91
CA LEU B 214 -1.83 2.79 4.72
C LEU B 214 -1.59 1.75 3.63
N SER B 215 -0.36 1.24 3.52
CA SER B 215 -0.08 0.17 2.57
CA SER B 215 -0.03 0.16 2.61
C SER B 215 -0.84 -1.10 2.94
N HIS B 216 -0.88 -1.33 4.22
CA HIS B 216 -1.70 -2.52 4.70
CA HIS B 216 -1.72 -2.40 4.73
C HIS B 216 -3.31 -2.41 4.54
N ILE B 217 -3.67 -1.12 4.73
CA ILE B 217 -5.09 -0.84 4.49
C ILE B 217 -5.43 -1.00 3.00
N ARG B 218 -4.54 -0.55 2.12
CA ARG B 218 -4.74 -0.84 0.69
C ARG B 218 -4.81 -2.34 0.43
N HIS B 219 -3.89 -3.09 1.04
CA HIS B 219 -3.84 -4.54 0.87
C HIS B 219 -5.17 -5.20 1.30
N MET B 220 -5.65 -4.79 2.47
CA MET B 220 -6.91 -5.31 2.98
C MET B 220 -8.08 -5.01 2.06
N SER B 221 -8.12 -3.79 1.54
CA SER B 221 -9.18 -3.43 0.61
C SER B 221 -9.14 -4.30 -0.65
N ASN B 222 -7.96 -4.48 -1.23
CA ASN B 222 -7.85 -5.30 -2.40
C ASN B 222 -8.18 -6.77 -2.14
N LYS B 223 -7.76 -7.26 -0.97
CA LYS B 223 -8.02 -8.67 -0.65
C LYS B 223 -9.50 -8.88 -0.40
N GLY B 224 -10.15 -7.85 0.16
CA GLY B 224 -11.57 -7.94 0.38
C GLY B 224 -12.33 -8.04 -0.94
N MET B 225 -12.01 -7.13 -1.87
CA MET B 225 -12.62 -7.19 -3.21
C MET B 225 -12.37 -8.54 -3.85
N GLU B 226 -11.15 -9.04 -3.72
CA GLU B 226 -10.80 -10.32 -4.33
C GLU B 226 -11.69 -11.42 -3.75
N HIS B 227 -11.92 -11.36 -2.44
CA HIS B 227 -12.80 -12.30 -1.76
C HIS B 227 -14.23 -12.19 -2.26
N LEU B 228 -14.61 -10.98 -2.67
CA LEU B 228 -15.97 -10.74 -3.16
C LEU B 228 -16.09 -11.06 -4.66
N TYR B 229 -14.95 -11.03 -5.33
CA TYR B 229 -14.86 -11.20 -6.79
C TYR B 229 -15.66 -10.11 -7.50
N VAL B 237 -23.12 -12.51 -1.45
CA VAL B 237 -23.20 -11.20 -0.80
C VAL B 237 -24.21 -10.31 -1.50
N PRO B 238 -25.33 -10.02 -0.83
CA PRO B 238 -26.30 -9.08 -1.40
C PRO B 238 -25.65 -7.71 -1.50
N LEU B 239 -25.94 -6.98 -2.58
CA LEU B 239 -25.31 -5.69 -2.76
C LEU B 239 -26.32 -4.63 -3.15
N SER B 240 -26.17 -3.46 -2.54
CA SER B 240 -27.04 -2.34 -2.84
C SER B 240 -26.68 -1.80 -4.21
N ASP B 241 -27.55 -0.97 -4.77
CA ASP B 241 -27.29 -0.38 -6.08
C ASP B 241 -26.02 0.46 -6.04
N LEU B 242 -25.82 1.19 -4.95
CA LEU B 242 -24.64 2.04 -4.83
C LEU B 242 -23.36 1.21 -4.68
N LEU B 243 -23.41 0.16 -3.88
CA LEU B 243 -22.25 -0.70 -3.69
C LEU B 243 -21.85 -1.38 -4.98
N LEU B 244 -22.84 -1.90 -5.69
CA LEU B 244 -22.60 -2.55 -6.98
C LEU B 244 -21.78 -1.67 -7.89
N GLU B 245 -22.19 -0.40 -8.00
CA GLU B 245 -21.48 0.54 -8.84
C GLU B 245 -20.09 0.88 -8.33
N MET B 246 -19.93 0.98 -7.01
CA MET B 246 -18.61 1.24 -6.43
C MET B 246 -17.66 0.08 -6.75
N LEU B 247 -18.24 -1.11 -6.86
CA LEU B 247 -17.45 -2.33 -7.03
C LEU B 247 -16.95 -2.53 -8.46
N ASP B 248 -17.84 -2.28 -9.42
CA ASP B 248 -17.48 -2.44 -10.82
C ASP B 248 -16.29 -1.55 -11.17
N ALA B 249 -16.14 -0.45 -10.44
CA ALA B 249 -15.03 0.47 -10.62
C ALA B 249 -13.66 -0.19 -10.38
N HIS B 250 -13.65 -1.26 -9.58
CA HIS B 250 -12.42 -1.98 -9.29
C HIS B 250 -12.24 -3.21 -10.17
N ARG B 251 -13.33 -3.69 -10.76
CA ARG B 251 -13.29 -4.86 -11.63
C ARG B 251 -13.01 -4.45 -13.08
N HIS C 2 7.60 -28.82 2.04
CA HIS C 2 8.93 -28.22 2.25
C HIS C 2 9.23 -27.22 1.15
N LYS C 3 9.25 -25.94 1.53
CA LYS C 3 9.38 -24.87 0.55
C LYS C 3 10.79 -24.71 0.05
N ILE C 4 10.90 -24.44 -1.24
CA ILE C 4 12.17 -24.11 -1.87
C ILE C 4 12.81 -22.89 -1.20
N LEU C 5 11.97 -21.93 -0.83
CA LEU C 5 12.48 -20.74 -0.21
C LEU C 5 13.17 -21.04 1.11
N HIS C 6 12.66 -22.01 1.86
CA HIS C 6 13.29 -22.44 3.10
C HIS C 6 14.71 -22.94 2.85
N ARG C 7 14.91 -23.69 1.77
CA ARG C 7 16.25 -24.16 1.42
C ARG C 7 17.16 -23.01 1.02
N LEU C 8 16.62 -22.10 0.20
CA LEU C 8 17.46 -21.06 -0.38
C LEU C 8 17.90 -20.02 0.65
N LEU C 9 17.08 -19.82 1.68
CA LEU C 9 17.42 -18.84 2.71
C LEU C 9 18.52 -19.37 3.65
N GLN C 10 18.82 -20.66 3.56
CA GLN C 10 19.90 -21.24 4.37
C GLN C 10 21.26 -20.98 3.71
N ASP C 11 22.30 -20.91 4.55
CA ASP C 11 23.65 -20.59 4.07
C ASP C 11 24.08 -21.50 2.92
N LYS D 3 -24.39 7.31 -12.86
CA LYS D 3 -23.90 6.70 -11.63
C LYS D 3 -24.46 7.41 -10.40
N ILE D 4 -24.84 6.63 -9.39
CA ILE D 4 -25.41 7.18 -8.17
C ILE D 4 -24.41 8.06 -7.43
N LEU D 5 -23.17 7.58 -7.32
CA LEU D 5 -22.10 8.37 -6.70
C LEU D 5 -21.99 9.74 -7.34
N HIS D 6 -22.02 9.75 -8.67
CA HIS D 6 -22.03 10.97 -9.47
C HIS D 6 -23.11 11.93 -8.98
N ARG D 7 -24.32 11.41 -8.81
CA ARG D 7 -25.46 12.24 -8.44
C ARG D 7 -25.40 12.76 -7.01
N LEU D 8 -25.11 11.86 -6.06
CA LEU D 8 -25.09 12.22 -4.64
C LEU D 8 -24.04 13.28 -4.36
N LEU D 9 -23.01 13.30 -5.18
CA LEU D 9 -21.98 14.32 -5.08
C LEU D 9 -22.49 15.71 -5.46
N GLN D 10 -23.48 15.75 -6.36
CA GLN D 10 -24.02 17.03 -6.82
C GLN D 10 -25.03 17.66 -5.86
N ASP D 11 -25.61 16.85 -5.00
CA ASP D 11 -26.56 17.36 -3.99
C ASP D 11 -25.94 18.21 -2.92
C01 OB7 E . 10.20 -7.96 -13.01
C02 OB7 E . 9.92 -9.11 -13.63
C03 OB7 E . 8.67 -9.44 -13.97
C04 OB7 E . 7.60 -8.69 -13.74
C05 OB7 E . 7.89 -7.54 -13.12
C06 OB7 E . 9.14 -7.18 -12.77
O01 OB7 E . 11.44 -7.59 -12.68
C07 OB7 E . 6.36 -9.11 -14.15
C08 OB7 E . 5.78 -10.33 -14.33
C09 OB7 E . 4.38 -9.98 -14.81
C10 OB7 E . 3.59 -9.49 -13.62
C11 OB7 E . 4.24 -8.13 -13.42
C12 OB7 E . 5.25 -8.16 -14.58
C13 OB7 E . 6.06 -11.60 -14.07
C14 OB7 E . 6.56 -11.98 -12.90
C15 OB7 E . 6.78 -13.26 -12.62
C16 OB7 E . 6.48 -14.18 -13.50
C17 OB7 E . 5.94 -13.82 -14.62
C18 OB7 E . 5.72 -12.56 -14.91
O02 OB7 E . 6.69 -15.48 -13.29
O03 OB7 E . 4.56 -8.85 -15.54
S01 OB7 E . 3.11 -6.86 -13.55
N01 OB7 E . 2.47 -6.61 -15.10
C19 OB7 E . 1.50 -7.27 -15.61
C20 OB7 E . 1.70 -8.07 -16.67
C21 OB7 E . 0.74 -8.80 -17.25
C22 OB7 E . -0.51 -8.79 -16.79
C23 OB7 E . -0.74 -8.00 -15.74
C24 OB7 E . 0.25 -7.28 -15.18
CL1 OB7 E . -1.81 -9.73 -17.47
C25 OB7 E . 3.23 -5.68 -15.96
C26 OB7 E . 2.49 -4.62 -16.74
O04 OB7 E . 3.86 -5.71 -13.31
O05 OB7 E . 1.92 -7.16 -12.90
C01 OB6 F . -17.71 -1.07 7.65
C02 OB6 F . -18.67 -1.85 7.18
C03 OB6 F . -18.42 -3.03 6.66
C04 OB6 F . -17.23 -3.57 6.58
C05 OB6 F . -16.27 -2.78 7.05
C06 OB6 F . -16.50 -1.58 7.57
C07 OB6 F . -17.01 -4.81 6.02
O01 OB6 F . -17.94 0.15 8.15
C08 OB6 F . -17.64 -5.57 5.08
C09 OB6 F . -16.73 -6.81 4.96
C10 OB6 F . -15.51 -6.33 4.17
C11 OB6 F . -14.77 -5.63 5.30
C12 OB6 F . -15.81 -5.69 6.40
C13 OB6 F . -18.68 -5.44 4.24
C14 OB6 F . -18.82 -4.37 3.47
C15 OB6 F . -19.78 -4.19 2.58
C16 OB6 F . -20.70 -5.13 2.37
C17 OB6 F . -20.58 -6.21 3.10
C18 OB6 F . -19.61 -6.37 3.99
O02 OB6 F . -21.67 -4.99 1.48
O03 OB6 F . -16.23 -6.99 6.22
S01 OB6 F . -14.65 -7.55 3.28
N01 OB6 F . -15.63 -8.19 2.08
C19 OB6 F . -16.30 -7.46 1.28
C20 OB6 F . -15.71 -9.68 1.96
C21 OB6 F . -16.72 -10.24 0.96
C22 OB6 F . -15.73 -6.70 0.36
C23 OB6 F . -16.38 -5.94 -0.50
C24 OB6 F . -17.70 -5.87 -0.50
C25 OB6 F . -18.31 -6.61 0.40
C26 OB6 F . -17.64 -7.37 1.25
CL1 OB6 F . -18.56 -4.87 -1.61
O04 OB6 F . -14.38 -8.63 4.06
O05 OB6 F . -13.79 -6.96 2.41
#